data_8S1R
#
_entry.id   8S1R
#
_cell.length_a   149.101
_cell.length_b   149.101
_cell.length_c   64.066
_cell.angle_alpha   90.000
_cell.angle_beta   90.000
_cell.angle_gamma   120.000
#
_symmetry.space_group_name_H-M   'P 32 2 1'
#
loop_
_entity.id
_entity.type
_entity.pdbx_description
1 polymer 'SH3 and multiple ankyrin repeat domains protein 1'
2 polymer 'F-box only protein 41'
3 non-polymer 'ACETYL GROUP'
4 water water
#
loop_
_entity_poly.entity_id
_entity_poly.type
_entity_poly.pdbx_seq_one_letter_code
_entity_poly.pdbx_strand_id
1 'polypeptide(L)'
;GPLGSDYIIKEKTVLLQKKDSEGFGFVLRGAKAQTPIEEFTPTPAFPALQYLESVDEGGVAWRAGLRMGDFLIEVNGQNV
VKVGHRQVVNMIRQGGNTLMVKVVMVTRHPDM
;
AAA,BBB,CCC,DDD
2 'polypeptide(L)' EESTSFQGP EaE,FaF,GaG,HaH
#
loop_
_chem_comp.id
_chem_comp.type
_chem_comp.name
_chem_comp.formula
ACE non-polymer 'ACETYL GROUP' 'C2 H4 O'
#
# COMPACT_ATOMS: atom_id res chain seq x y z
N GLY A 1 6.17 -11.50 1.34
CA GLY A 1 6.82 -12.79 1.76
C GLY A 1 8.32 -12.80 1.43
N PRO A 2 9.02 -13.94 1.65
CA PRO A 2 10.46 -14.01 1.36
C PRO A 2 10.80 -13.83 -0.14
N LEU A 3 9.87 -14.11 -1.06
CA LEU A 3 10.12 -14.11 -2.54
C LEU A 3 9.68 -12.79 -3.20
N GLY A 4 8.97 -11.92 -2.48
CA GLY A 4 8.54 -10.59 -2.97
C GLY A 4 7.36 -10.05 -2.19
N SER A 5 6.87 -8.88 -2.59
CA SER A 5 5.77 -8.15 -1.89
C SER A 5 4.48 -8.95 -1.94
N ASP A 6 3.70 -8.87 -0.86
CA ASP A 6 2.27 -9.29 -0.79
C ASP A 6 1.41 -8.01 -0.79
N TYR A 7 0.30 -8.03 -1.55
CA TYR A 7 -0.59 -6.88 -1.80
C TYR A 7 -2.03 -7.33 -1.57
N ILE A 8 -2.86 -6.42 -1.05
CA ILE A 8 -4.34 -6.53 -1.18
C ILE A 8 -4.75 -5.62 -2.33
N ILE A 9 -5.48 -6.16 -3.31
CA ILE A 9 -6.03 -5.40 -4.48
C ILE A 9 -7.56 -5.39 -4.33
N LYS A 10 -8.15 -4.22 -4.21
CA LYS A 10 -9.62 -4.05 -4.04
C LYS A 10 -10.15 -3.25 -5.24
N GLU A 11 -11.02 -3.85 -6.02
CA GLU A 11 -11.78 -3.18 -7.09
C GLU A 11 -12.96 -2.43 -6.48
N LYS A 12 -13.21 -1.23 -7.00
CA LYS A 12 -14.32 -0.35 -6.59
C LYS A 12 -14.94 0.24 -7.86
N THR A 13 -16.25 0.09 -7.99
CA THR A 13 -17.07 0.77 -9.03
C THR A 13 -17.97 1.76 -8.30
N VAL A 14 -17.93 3.04 -8.71
CA VAL A 14 -18.73 4.10 -8.05
C VAL A 14 -19.31 4.98 -9.16
N LEU A 15 -20.50 5.49 -8.91
CA LEU A 15 -21.19 6.47 -9.76
C LEU A 15 -21.28 7.77 -8.96
N LEU A 16 -20.57 8.81 -9.40
CA LEU A 16 -20.59 10.15 -8.77
C LEU A 16 -21.63 11.02 -9.51
N GLN A 17 -22.46 11.71 -8.75
CA GLN A 17 -23.48 12.67 -9.25
C GLN A 17 -23.31 13.94 -8.43
N LYS A 18 -22.99 15.07 -9.07
CA LYS A 18 -22.66 16.32 -8.31
C LYS A 18 -23.49 17.50 -8.84
N LYS A 19 -23.52 18.60 -8.08
CA LYS A 19 -24.03 19.92 -8.53
C LYS A 19 -23.02 20.52 -9.53
N ASP A 20 -23.52 21.38 -10.42
CA ASP A 20 -22.69 22.22 -11.33
C ASP A 20 -21.67 23.02 -10.51
N SER A 21 -22.05 23.45 -9.30
CA SER A 21 -21.26 24.39 -8.48
C SER A 21 -20.19 23.64 -7.67
N GLU A 22 -20.03 22.33 -7.82
CA GLU A 22 -19.01 21.60 -7.03
C GLU A 22 -18.16 20.74 -7.97
N GLY A 23 -17.05 20.22 -7.44
CA GLY A 23 -16.19 19.26 -8.14
C GLY A 23 -16.52 17.83 -7.72
N PHE A 24 -16.01 16.86 -8.47
CA PHE A 24 -16.03 15.43 -8.07
C PHE A 24 -15.22 15.26 -6.77
N GLY A 25 -14.27 16.16 -6.47
CA GLY A 25 -13.54 16.13 -5.19
C GLY A 25 -12.33 15.22 -5.22
N PHE A 26 -11.62 15.21 -6.35
CA PHE A 26 -10.31 14.54 -6.42
C PHE A 26 -9.36 15.31 -7.32
N VAL A 27 -8.10 14.90 -7.28
CA VAL A 27 -7.03 15.33 -8.21
C VAL A 27 -6.53 14.06 -8.89
N LEU A 28 -6.57 14.08 -10.21
CA LEU A 28 -6.05 13.02 -11.10
C LEU A 28 -4.60 13.33 -11.45
N ARG A 29 -3.75 12.32 -11.50
CA ARG A 29 -2.34 12.45 -11.94
C ARG A 29 -1.97 11.21 -12.75
N GLY A 30 -1.19 11.39 -13.82
CA GLY A 30 -0.52 10.28 -14.52
C GLY A 30 0.16 10.73 -15.81
N ALA A 31 0.71 9.75 -16.54
CA ALA A 31 1.54 9.92 -17.76
C ALA A 31 0.75 10.68 -18.83
N LYS A 32 1.36 11.70 -19.43
CA LYS A 32 0.86 12.35 -20.67
C LYS A 32 1.20 11.45 -21.85
N ALA A 33 0.43 11.51 -22.94
CA ALA A 33 0.69 10.78 -24.20
C ALA A 33 -0.41 11.12 -25.22
N GLN A 34 -0.02 11.54 -26.43
CA GLN A 34 -0.93 11.93 -27.53
C GLN A 34 -2.02 10.86 -27.70
N THR A 35 -1.61 9.59 -27.86
CA THR A 35 -2.48 8.39 -28.02
C THR A 35 -2.10 7.37 -26.93
N PRO A 36 -2.88 6.28 -26.72
CA PRO A 36 -2.58 5.29 -25.68
C PRO A 36 -1.15 4.70 -25.72
N ILE A 37 -0.45 4.72 -24.58
CA ILE A 37 0.95 4.22 -24.39
C ILE A 37 0.94 2.68 -24.51
N GLU A 38 1.39 2.14 -25.65
CA GLU A 38 1.53 0.68 -25.91
C GLU A 38 2.76 0.13 -25.18
N GLU A 39 3.78 0.98 -24.95
CA GLU A 39 5.05 0.61 -24.27
C GLU A 39 4.83 0.41 -22.76
N PHE A 40 3.76 0.98 -22.16
CA PHE A 40 3.40 0.76 -20.74
C PHE A 40 2.93 -0.68 -20.59
N THR A 41 3.43 -1.39 -19.58
CA THR A 41 2.98 -2.75 -19.20
C THR A 41 2.42 -2.66 -17.80
N PRO A 42 1.08 -2.82 -17.64
CA PRO A 42 0.46 -2.83 -16.32
C PRO A 42 1.01 -4.02 -15.53
N THR A 43 1.26 -3.79 -14.23
CA THR A 43 1.56 -4.85 -13.25
C THR A 43 0.56 -4.72 -12.11
N PRO A 44 0.28 -5.80 -11.36
CA PRO A 44 -0.64 -5.71 -10.22
C PRO A 44 -0.38 -4.52 -9.28
N ALA A 45 0.87 -4.06 -9.10
CA ALA A 45 1.25 -2.98 -8.16
C ALA A 45 1.20 -1.58 -8.79
N PHE A 46 1.28 -1.49 -10.13
CA PHE A 46 1.08 -0.25 -10.91
C PHE A 46 0.20 -0.63 -12.10
N PRO A 47 -1.11 -0.84 -11.86
CA PRO A 47 -2.00 -1.42 -12.87
C PRO A 47 -2.58 -0.44 -13.89
N ALA A 48 -2.32 0.86 -13.77
CA ALA A 48 -2.86 1.88 -14.70
C ALA A 48 -2.04 3.16 -14.64
N LEU A 49 -2.10 3.97 -15.71
CA LEU A 49 -1.30 5.22 -15.86
C LEU A 49 -1.85 6.31 -14.96
N GLN A 50 -3.17 6.40 -14.82
CA GLN A 50 -3.84 7.52 -14.09
C GLN A 50 -4.31 7.01 -12.71
N TYR A 51 -4.10 7.80 -11.68
CA TYR A 51 -4.51 7.50 -10.29
C TYR A 51 -4.91 8.77 -9.58
N LEU A 52 -5.53 8.62 -8.41
CA LEU A 52 -5.99 9.75 -7.57
C LEU A 52 -4.82 10.22 -6.72
N GLU A 53 -4.23 11.35 -7.10
CA GLU A 53 -3.16 12.02 -6.31
C GLU A 53 -3.75 12.37 -4.93
N SER A 54 -4.99 12.83 -4.87
CA SER A 54 -5.68 13.17 -3.61
C SER A 54 -7.18 13.05 -3.78
N VAL A 55 -7.89 13.00 -2.66
CA VAL A 55 -9.37 12.97 -2.60
C VAL A 55 -9.75 13.87 -1.46
N ASP A 56 -10.61 14.86 -1.71
CA ASP A 56 -11.13 15.83 -0.72
C ASP A 56 -11.95 15.09 0.32
N GLU A 57 -11.57 15.23 1.59
CA GLU A 57 -12.30 14.63 2.74
C GLU A 57 -13.73 15.17 2.71
N GLY A 58 -14.72 14.26 2.72
CA GLY A 58 -16.13 14.66 2.76
C GLY A 58 -16.66 15.11 1.41
N GLY A 59 -15.85 15.16 0.35
CA GLY A 59 -16.34 15.53 -1.00
C GLY A 59 -17.12 14.39 -1.65
N VAL A 60 -17.57 14.60 -2.89
CA VAL A 60 -18.37 13.60 -3.68
C VAL A 60 -17.62 12.27 -3.82
N ALA A 61 -16.39 12.29 -4.29
CA ALA A 61 -15.58 11.07 -4.53
C ALA A 61 -15.40 10.34 -3.19
N TRP A 62 -15.06 11.08 -2.14
CA TRP A 62 -14.84 10.52 -0.78
C TRP A 62 -16.07 9.74 -0.35
N ARG A 63 -17.25 10.37 -0.43
CA ARG A 63 -18.53 9.83 0.08
C ARG A 63 -18.85 8.51 -0.63
N ALA A 64 -18.49 8.40 -1.91
CA ALA A 64 -18.74 7.19 -2.73
C ALA A 64 -17.76 6.05 -2.40
N GLY A 65 -16.57 6.34 -1.84
CA GLY A 65 -15.58 5.31 -1.44
C GLY A 65 -14.24 5.43 -2.14
N LEU A 66 -14.01 6.47 -2.95
CA LEU A 66 -12.72 6.67 -3.63
C LEU A 66 -11.70 7.22 -2.62
N ARG A 67 -10.45 6.79 -2.75
CA ARG A 67 -9.38 7.14 -1.79
C ARG A 67 -8.10 7.53 -2.54
N MET A 68 -7.26 8.34 -1.92
CA MET A 68 -5.92 8.68 -2.47
C MET A 68 -5.21 7.39 -2.90
N GLY A 69 -4.63 7.37 -4.09
CA GLY A 69 -3.82 6.25 -4.62
C GLY A 69 -4.59 5.34 -5.54
N ASP A 70 -5.93 5.41 -5.52
CA ASP A 70 -6.77 4.53 -6.38
C ASP A 70 -6.32 4.72 -7.83
N PHE A 71 -6.09 3.62 -8.54
CA PHE A 71 -5.75 3.58 -9.99
C PHE A 71 -7.02 3.49 -10.81
N LEU A 72 -7.14 4.36 -11.83
CA LEU A 72 -8.32 4.43 -12.71
C LEU A 72 -8.23 3.30 -13.73
N ILE A 73 -9.21 2.41 -13.78
CA ILE A 73 -9.27 1.29 -14.76
C ILE A 73 -10.25 1.67 -15.87
N GLU A 74 -11.44 2.17 -15.52
CA GLU A 74 -12.51 2.48 -16.50
C GLU A 74 -13.13 3.82 -16.14
N VAL A 75 -13.48 4.59 -17.16
CA VAL A 75 -14.28 5.83 -17.05
C VAL A 75 -15.51 5.67 -17.94
N ASN A 76 -16.69 5.66 -17.36
CA ASN A 76 -17.96 5.57 -18.11
C ASN A 76 -17.91 4.34 -19.02
N GLY A 77 -17.43 3.22 -18.49
CA GLY A 77 -17.40 1.92 -19.20
C GLY A 77 -16.29 1.81 -20.23
N GLN A 78 -15.38 2.78 -20.38
CA GLN A 78 -14.24 2.67 -21.33
C GLN A 78 -12.95 2.44 -20.54
N ASN A 79 -12.13 1.49 -20.96
CA ASN A 79 -10.88 1.12 -20.26
C ASN A 79 -9.86 2.25 -20.45
N VAL A 80 -9.20 2.72 -19.38
CA VAL A 80 -8.24 3.85 -19.45
C VAL A 80 -6.87 3.45 -18.88
N VAL A 81 -6.63 2.15 -18.74
CA VAL A 81 -5.40 1.61 -18.10
C VAL A 81 -4.16 2.19 -18.80
N LYS A 82 -4.17 2.25 -20.14
CA LYS A 82 -2.98 2.69 -20.92
C LYS A 82 -3.30 4.01 -21.67
N VAL A 83 -4.27 4.79 -21.20
CA VAL A 83 -4.71 6.05 -21.85
C VAL A 83 -3.99 7.24 -21.20
N GLY A 84 -3.52 8.19 -22.01
CA GLY A 84 -2.75 9.35 -21.55
C GLY A 84 -3.63 10.31 -20.77
N HIS A 85 -3.02 11.15 -19.95
CA HIS A 85 -3.71 12.00 -18.94
C HIS A 85 -4.79 12.87 -19.60
N ARG A 86 -4.45 13.62 -20.64
CA ARG A 86 -5.39 14.62 -21.22
C ARG A 86 -6.64 13.90 -21.76
N GLN A 87 -6.46 12.76 -22.41
CA GLN A 87 -7.60 11.96 -22.96
C GLN A 87 -8.51 11.49 -21.81
N VAL A 88 -7.93 11.05 -20.68
CA VAL A 88 -8.74 10.58 -19.53
C VAL A 88 -9.50 11.78 -18.93
N VAL A 89 -8.82 12.94 -18.81
CA VAL A 89 -9.47 14.19 -18.33
C VAL A 89 -10.67 14.51 -19.22
N ASN A 90 -10.51 14.45 -20.54
CA ASN A 90 -11.62 14.71 -21.50
C ASN A 90 -12.76 13.70 -21.31
N MET A 91 -12.43 12.43 -21.04
CA MET A 91 -13.45 11.36 -20.84
C MET A 91 -14.22 11.63 -19.55
N ILE A 92 -13.54 12.09 -18.51
CA ILE A 92 -14.22 12.41 -17.21
C ILE A 92 -15.21 13.55 -17.48
N ARG A 93 -14.77 14.57 -18.22
CA ARG A 93 -15.58 15.80 -18.47
C ARG A 93 -16.80 15.48 -19.33
N GLN A 94 -16.73 14.46 -20.17
CA GLN A 94 -17.78 14.15 -21.18
C GLN A 94 -19.10 13.85 -20.48
N GLY A 95 -19.07 13.32 -19.25
CA GLY A 95 -20.29 12.95 -18.50
C GLY A 95 -20.88 14.13 -17.75
N GLY A 96 -20.21 15.29 -17.71
CA GLY A 96 -20.77 16.47 -17.03
C GLY A 96 -20.79 16.27 -15.53
N ASN A 97 -21.97 16.20 -14.94
CA ASN A 97 -22.14 16.10 -13.47
C ASN A 97 -22.17 14.63 -13.05
N THR A 98 -22.03 13.70 -13.99
CA THR A 98 -22.08 12.24 -13.75
C THR A 98 -20.76 11.61 -14.17
N LEU A 99 -20.17 10.82 -13.27
CA LEU A 99 -18.93 10.06 -13.59
C LEU A 99 -19.08 8.64 -13.04
N MET A 100 -18.96 7.64 -13.90
CA MET A 100 -18.84 6.23 -13.46
C MET A 100 -17.39 5.83 -13.61
N VAL A 101 -16.79 5.38 -12.53
CA VAL A 101 -15.35 5.02 -12.55
C VAL A 101 -15.18 3.66 -11.87
N LYS A 102 -14.36 2.82 -12.46
CA LYS A 102 -13.81 1.62 -11.82
C LYS A 102 -12.36 1.90 -11.49
N VAL A 103 -11.99 1.66 -10.22
CA VAL A 103 -10.59 1.84 -9.73
C VAL A 103 -10.12 0.55 -9.07
N VAL A 104 -8.79 0.43 -8.91
CA VAL A 104 -8.16 -0.61 -8.04
C VAL A 104 -7.33 0.12 -6.99
N MET A 105 -7.61 -0.20 -5.73
CA MET A 105 -6.82 0.17 -4.54
C MET A 105 -5.79 -0.93 -4.27
N VAL A 106 -4.51 -0.55 -4.27
CA VAL A 106 -3.34 -1.44 -4.00
C VAL A 106 -2.79 -1.08 -2.62
N THR A 107 -2.88 -2.01 -1.66
CA THR A 107 -2.28 -1.89 -0.31
C THR A 107 -1.28 -3.03 -0.05
N ARG A 108 -0.08 -2.69 0.44
CA ARG A 108 0.88 -3.64 1.09
C ARG A 108 0.17 -4.45 2.17
N HIS A 109 0.55 -5.71 2.38
CA HIS A 109 -0.01 -6.58 3.46
C HIS A 109 0.80 -6.40 4.74
N GLY B 1 -15.41 -6.77 -1.60
CA GLY B 1 -16.32 -6.04 -0.69
C GLY B 1 -17.55 -5.57 -1.46
N PRO B 2 -18.35 -4.64 -0.89
CA PRO B 2 -19.55 -4.14 -1.55
C PRO B 2 -19.31 -3.40 -2.87
N LEU B 3 -18.11 -2.82 -3.08
CA LEU B 3 -17.80 -2.00 -4.29
C LEU B 3 -17.14 -2.84 -5.39
N GLY B 4 -16.71 -4.08 -5.10
CA GLY B 4 -16.16 -5.02 -6.11
C GLY B 4 -15.25 -6.08 -5.52
N SER B 5 -14.65 -6.91 -6.37
CA SER B 5 -13.84 -8.09 -5.94
C SER B 5 -12.55 -7.64 -5.27
N ASP B 6 -12.13 -8.40 -4.25
CA ASP B 6 -10.86 -8.19 -3.50
C ASP B 6 -9.99 -9.44 -3.72
N TYR B 7 -8.69 -9.22 -3.83
CA TYR B 7 -7.68 -10.20 -4.25
C TYR B 7 -6.44 -10.06 -3.36
N ILE B 8 -5.83 -11.20 -3.04
CA ILE B 8 -4.46 -11.28 -2.48
C ILE B 8 -3.55 -11.57 -3.65
N ILE B 9 -2.53 -10.73 -3.85
CA ILE B 9 -1.49 -10.88 -4.90
C ILE B 9 -0.18 -11.13 -4.17
N LYS B 10 0.44 -12.30 -4.37
CA LYS B 10 1.80 -12.61 -3.85
C LYS B 10 2.73 -12.65 -5.04
N GLU B 11 3.68 -11.71 -5.09
CA GLU B 11 4.75 -11.65 -6.10
C GLU B 11 5.88 -12.58 -5.64
N LYS B 12 6.48 -13.31 -6.59
CA LYS B 12 7.62 -14.22 -6.38
C LYS B 12 8.62 -13.94 -7.49
N THR B 13 9.84 -13.56 -7.13
CA THR B 13 10.98 -13.59 -8.09
C THR B 13 11.90 -14.72 -7.67
N VAL B 14 12.25 -15.58 -8.62
CA VAL B 14 13.09 -16.78 -8.36
C VAL B 14 14.11 -16.91 -9.50
N LEU B 15 15.27 -17.45 -9.14
CA LEU B 15 16.31 -17.88 -10.09
C LEU B 15 16.28 -19.41 -10.06
N LEU B 16 15.92 -20.00 -11.19
CA LEU B 16 15.96 -21.47 -11.40
C LEU B 16 17.26 -21.78 -12.11
N GLN B 17 18.03 -22.73 -11.57
CA GLN B 17 19.33 -23.17 -12.12
C GLN B 17 19.27 -24.69 -12.14
N LYS B 18 19.37 -25.30 -13.31
CA LYS B 18 19.12 -26.75 -13.46
C LYS B 18 20.30 -27.40 -14.19
N LYS B 19 20.27 -28.72 -14.34
CA LYS B 19 21.23 -29.49 -15.15
C LYS B 19 20.63 -29.78 -16.52
N ASP B 20 21.49 -30.18 -17.46
CA ASP B 20 21.14 -30.60 -18.84
C ASP B 20 20.05 -31.67 -18.80
N SER B 21 20.10 -32.57 -17.82
CA SER B 21 19.22 -33.76 -17.75
C SER B 21 17.86 -33.43 -17.13
N GLU B 22 17.64 -32.23 -16.59
CA GLU B 22 16.34 -31.94 -15.92
C GLU B 22 15.60 -30.82 -16.65
N GLY B 23 14.30 -30.74 -16.38
CA GLY B 23 13.44 -29.61 -16.74
C GLY B 23 13.30 -28.66 -15.59
N PHE B 24 12.81 -27.45 -15.86
CA PHE B 24 12.50 -26.42 -14.85
C PHE B 24 11.34 -26.94 -13.99
N GLY B 25 10.53 -27.87 -14.53
CA GLY B 25 9.50 -28.58 -13.75
C GLY B 25 8.16 -27.86 -13.73
N PHE B 26 7.73 -27.34 -14.88
CA PHE B 26 6.40 -26.69 -15.06
C PHE B 26 5.95 -26.86 -16.50
N VAL B 27 4.63 -26.71 -16.71
CA VAL B 27 3.99 -26.58 -18.04
C VAL B 27 3.50 -25.14 -18.15
N LEU B 28 3.93 -24.42 -19.18
CA LEU B 28 3.48 -23.03 -19.45
C LEU B 28 2.24 -23.10 -20.34
N ARG B 29 1.23 -22.27 -20.06
CA ARG B 29 0.02 -22.17 -20.91
C ARG B 29 -0.31 -20.70 -21.13
N GLY B 30 -0.74 -20.34 -22.35
CA GLY B 30 -1.36 -19.03 -22.59
C GLY B 30 -1.57 -18.73 -24.06
N ALA B 31 -2.13 -17.56 -24.33
CA ALA B 31 -2.58 -17.08 -25.67
C ALA B 31 -1.41 -17.11 -26.66
N LYS B 32 -1.68 -17.67 -27.85
CA LYS B 32 -0.77 -17.75 -29.03
C LYS B 32 -1.10 -16.64 -30.03
N GLU B 39 -4.85 -6.07 -27.85
CA GLU B 39 -6.20 -6.62 -27.53
C GLU B 39 -6.39 -6.73 -26.01
N PHE B 40 -5.40 -7.32 -25.33
CA PHE B 40 -5.47 -7.82 -23.93
C PHE B 40 -5.23 -6.66 -22.96
N THR B 41 -6.10 -6.53 -21.96
CA THR B 41 -5.91 -5.62 -20.79
C THR B 41 -5.83 -6.42 -19.50
N PRO B 42 -4.65 -6.42 -18.85
CA PRO B 42 -4.50 -7.09 -17.56
C PRO B 42 -5.55 -6.67 -16.51
N THR B 43 -6.12 -7.64 -15.80
CA THR B 43 -6.99 -7.45 -14.61
C THR B 43 -6.35 -8.17 -13.41
N PRO B 44 -6.78 -7.86 -12.16
CA PRO B 44 -6.28 -8.57 -10.99
C PRO B 44 -6.47 -10.10 -11.10
N ALA B 45 -7.63 -10.54 -11.60
CA ALA B 45 -7.94 -11.99 -11.76
C ALA B 45 -7.14 -12.56 -12.94
N PHE B 46 -6.72 -11.73 -13.90
CA PHE B 46 -5.98 -12.19 -15.11
C PHE B 46 -4.85 -11.21 -15.44
N PRO B 47 -3.75 -11.20 -14.66
CA PRO B 47 -2.73 -10.17 -14.81
C PRO B 47 -1.75 -10.34 -15.98
N ALA B 48 -1.73 -11.49 -16.63
CA ALA B 48 -0.77 -11.79 -17.72
C ALA B 48 -1.27 -12.93 -18.59
N LEU B 49 -0.77 -12.99 -19.83
CA LEU B 49 -1.21 -13.99 -20.85
C LEU B 49 -0.70 -15.39 -20.51
N GLN B 50 0.56 -15.53 -20.04
CA GLN B 50 1.18 -16.85 -19.79
C GLN B 50 1.17 -17.13 -18.28
N TYR B 51 0.83 -18.37 -17.92
CA TYR B 51 0.74 -18.85 -16.53
C TYR B 51 1.22 -20.29 -16.44
N LEU B 52 1.45 -20.75 -15.22
CA LEU B 52 1.87 -22.14 -14.96
C LEU B 52 0.60 -22.99 -14.90
N GLU B 53 0.36 -23.81 -15.92
CA GLU B 53 -0.80 -24.72 -15.98
C GLU B 53 -0.60 -25.81 -14.93
N SER B 54 0.66 -26.20 -14.70
CA SER B 54 1.02 -27.18 -13.65
C SER B 54 2.47 -26.95 -13.25
N VAL B 55 2.82 -27.43 -12.09
CA VAL B 55 4.22 -27.42 -11.56
C VAL B 55 4.45 -28.83 -11.01
N ASP B 56 5.55 -29.47 -11.37
CA ASP B 56 5.91 -30.82 -10.85
C ASP B 56 6.28 -30.71 -9.36
N GLU B 57 5.50 -31.36 -8.51
CA GLU B 57 5.79 -31.42 -7.05
C GLU B 57 7.24 -31.93 -6.87
N GLY B 58 8.08 -31.14 -6.19
CA GLY B 58 9.46 -31.50 -5.84
C GLY B 58 10.46 -31.08 -6.89
N GLY B 59 9.99 -30.60 -8.06
CA GLY B 59 10.87 -30.19 -9.16
C GLY B 59 11.51 -28.85 -8.88
N VAL B 60 12.34 -28.38 -9.81
CA VAL B 60 13.19 -27.15 -9.65
C VAL B 60 12.29 -25.95 -9.36
N ALA B 61 11.25 -25.73 -10.18
CA ALA B 61 10.33 -24.57 -10.05
C ALA B 61 9.63 -24.67 -8.69
N TRP B 62 9.14 -25.85 -8.33
CA TRP B 62 8.38 -26.07 -7.08
C TRP B 62 9.25 -25.75 -5.86
N ARG B 63 10.50 -26.23 -5.86
CA ARG B 63 11.42 -26.08 -4.71
C ARG B 63 11.70 -24.58 -4.54
N ALA B 64 11.71 -23.81 -5.63
CA ALA B 64 11.93 -22.34 -5.61
C ALA B 64 10.69 -21.58 -5.13
N GLY B 65 9.53 -22.24 -5.00
CA GLY B 65 8.28 -21.61 -4.55
C GLY B 65 7.26 -21.40 -5.65
N LEU B 66 7.51 -21.79 -6.91
CA LEU B 66 6.51 -21.59 -7.99
C LEU B 66 5.39 -22.61 -7.83
N ARG B 67 4.16 -22.25 -8.21
CA ARG B 67 2.96 -23.08 -8.00
C ARG B 67 2.05 -23.01 -9.23
N MET B 68 1.26 -24.06 -9.46
CA MET B 68 0.18 -24.07 -10.47
C MET B 68 -0.65 -22.78 -10.34
N GLY B 69 -0.87 -22.07 -11.43
CA GLY B 69 -1.76 -20.89 -11.43
C GLY B 69 -0.99 -19.58 -11.35
N ASP B 70 0.31 -19.62 -11.09
CA ASP B 70 1.16 -18.40 -11.07
C ASP B 70 1.19 -17.80 -12.48
N PHE B 71 1.04 -16.48 -12.57
CA PHE B 71 1.06 -15.69 -13.84
C PHE B 71 2.46 -15.15 -14.08
N LEU B 72 3.00 -15.33 -15.29
CA LEU B 72 4.36 -14.83 -15.62
C LEU B 72 4.32 -13.32 -15.91
N ILE B 73 5.06 -12.53 -15.13
CA ILE B 73 5.21 -11.05 -15.27
C ILE B 73 6.50 -10.77 -16.05
N GLU B 74 7.63 -11.39 -15.66
CA GLU B 74 8.95 -11.18 -16.32
C GLU B 74 9.73 -12.48 -16.46
N VAL B 75 10.45 -12.60 -17.58
CA VAL B 75 11.37 -13.71 -17.90
C VAL B 75 12.73 -13.11 -18.21
N ASN B 76 13.77 -13.52 -17.49
CA ASN B 76 15.16 -13.07 -17.68
C ASN B 76 15.18 -11.54 -17.80
N GLY B 77 14.50 -10.85 -16.88
CA GLY B 77 14.48 -9.37 -16.79
C GLY B 77 13.61 -8.69 -17.83
N GLN B 78 12.84 -9.41 -18.65
CA GLN B 78 11.96 -8.80 -19.68
C GLN B 78 10.48 -9.00 -19.32
N ASN B 79 9.68 -7.94 -19.40
CA ASN B 79 8.21 -8.00 -19.14
C ASN B 79 7.60 -8.91 -20.22
N VAL B 80 6.66 -9.77 -19.84
CA VAL B 80 5.97 -10.74 -20.76
C VAL B 80 4.47 -10.74 -20.48
N VAL B 81 3.94 -9.72 -19.80
CA VAL B 81 2.50 -9.61 -19.45
C VAL B 81 1.65 -9.73 -20.72
N LYS B 82 2.12 -9.18 -21.85
CA LYS B 82 1.30 -9.06 -23.10
C LYS B 82 1.92 -9.91 -24.22
N VAL B 83 2.90 -10.75 -23.91
CA VAL B 83 3.70 -11.45 -24.97
C VAL B 83 3.06 -12.81 -25.27
N GLY B 84 3.10 -13.21 -26.55
CA GLY B 84 2.52 -14.45 -27.08
C GLY B 84 3.27 -15.68 -26.59
N HIS B 85 2.60 -16.84 -26.61
CA HIS B 85 3.10 -18.11 -26.03
C HIS B 85 4.46 -18.51 -26.63
N ARG B 86 4.58 -18.61 -27.95
CA ARG B 86 5.82 -19.10 -28.60
C ARG B 86 6.99 -18.15 -28.27
N GLN B 87 6.76 -16.84 -28.23
CA GLN B 87 7.85 -15.88 -27.92
C GLN B 87 8.30 -16.08 -26.46
N VAL B 88 7.39 -16.34 -25.52
CA VAL B 88 7.80 -16.54 -24.11
C VAL B 88 8.57 -17.86 -24.00
N VAL B 89 8.12 -18.90 -24.72
CA VAL B 89 8.80 -20.23 -24.77
C VAL B 89 10.25 -20.06 -25.26
N ASN B 90 10.45 -19.26 -26.32
CA ASN B 90 11.78 -18.95 -26.90
C ASN B 90 12.64 -18.19 -25.87
N MET B 91 12.08 -17.22 -25.17
CA MET B 91 12.82 -16.49 -24.10
C MET B 91 13.28 -17.48 -23.00
N ILE B 92 12.43 -18.40 -22.56
CA ILE B 92 12.83 -19.40 -21.54
C ILE B 92 13.93 -20.31 -22.12
N ARG B 93 13.79 -20.75 -23.37
CA ARG B 93 14.76 -21.67 -24.02
C ARG B 93 16.12 -20.97 -24.21
N GLN B 94 16.11 -19.64 -24.43
CA GLN B 94 17.31 -18.80 -24.68
C GLN B 94 18.26 -18.83 -23.47
N GLY B 95 17.74 -18.90 -22.24
CA GLY B 95 18.54 -18.90 -21.00
C GLY B 95 19.19 -20.24 -20.72
N GLY B 96 18.81 -21.30 -21.45
CA GLY B 96 19.36 -22.65 -21.28
C GLY B 96 19.00 -23.26 -19.94
N ASN B 97 19.98 -23.43 -19.05
CA ASN B 97 19.82 -24.05 -17.70
C ASN B 97 19.50 -23.00 -16.65
N THR B 98 19.43 -21.73 -17.04
CA THR B 98 19.15 -20.59 -16.13
C THR B 98 17.86 -19.93 -16.55
N LEU B 99 16.94 -19.76 -15.61
CA LEU B 99 15.70 -18.98 -15.81
C LEU B 99 15.45 -18.14 -14.56
N MET B 100 15.47 -16.82 -14.73
CA MET B 100 14.97 -15.84 -13.74
C MET B 100 13.56 -15.43 -14.17
N VAL B 101 12.62 -15.60 -13.26
CA VAL B 101 11.20 -15.36 -13.59
C VAL B 101 10.54 -14.69 -12.40
N LYS B 102 9.73 -13.67 -12.69
CA LYS B 102 8.82 -13.03 -11.71
C LYS B 102 7.40 -13.50 -12.05
N VAL B 103 6.66 -13.95 -11.03
CA VAL B 103 5.26 -14.39 -11.16
C VAL B 103 4.43 -13.69 -10.10
N VAL B 104 3.11 -13.69 -10.29
CA VAL B 104 2.15 -13.36 -9.21
C VAL B 104 1.20 -14.54 -9.06
N MET B 105 0.93 -14.87 -7.82
CA MET B 105 -0.19 -15.74 -7.42
C MET B 105 -1.35 -14.82 -7.00
N VAL B 106 -2.53 -15.11 -7.51
CA VAL B 106 -3.78 -14.32 -7.28
C VAL B 106 -4.77 -15.23 -6.58
N THR B 107 -5.26 -14.85 -5.43
CA THR B 107 -6.39 -15.54 -4.76
C THR B 107 -7.52 -14.55 -4.53
N ARG B 108 -8.72 -14.88 -5.00
CA ARG B 108 -9.95 -14.10 -4.73
C ARG B 108 -10.29 -14.28 -3.25
N HIS B 109 -10.34 -13.18 -2.49
CA HIS B 109 -10.71 -13.16 -1.05
C HIS B 109 -12.23 -13.29 -0.94
N PRO B 110 -12.78 -14.43 -0.44
CA PRO B 110 -14.22 -14.65 -0.45
C PRO B 110 -14.93 -13.91 0.69
N GLY C 1 -15.55 -24.45 15.76
CA GLY C 1 -15.59 -25.90 16.08
C GLY C 1 -16.85 -26.55 15.52
N PRO C 2 -17.15 -27.80 15.93
CA PRO C 2 -18.34 -28.52 15.45
C PRO C 2 -19.66 -27.78 15.72
N LEU C 3 -19.75 -27.00 16.81
CA LEU C 3 -21.01 -26.41 17.36
C LEU C 3 -21.25 -24.99 16.84
N GLY C 4 -20.24 -24.36 16.25
CA GLY C 4 -20.38 -23.05 15.58
C GLY C 4 -19.03 -22.37 15.43
N SER C 5 -19.06 -21.11 14.98
CA SER C 5 -17.88 -20.29 14.66
C SER C 5 -17.06 -20.03 15.94
N ASP C 6 -15.74 -20.14 15.82
CA ASP C 6 -14.76 -19.75 16.88
C ASP C 6 -14.03 -18.48 16.44
N TYR C 7 -13.82 -17.55 17.38
CA TYR C 7 -13.33 -16.18 17.15
C TYR C 7 -12.26 -15.84 18.20
N ILE C 8 -11.16 -15.24 17.75
CA ILE C 8 -10.10 -14.68 18.63
C ILE C 8 -10.42 -13.19 18.81
N ILE C 9 -10.55 -12.76 20.05
CA ILE C 9 -10.87 -11.35 20.41
C ILE C 9 -9.61 -10.76 21.08
N LYS C 10 -9.13 -9.63 20.58
CA LYS C 10 -8.08 -8.82 21.24
C LYS C 10 -8.70 -7.48 21.59
N GLU C 11 -8.85 -7.20 22.89
CA GLU C 11 -9.28 -5.87 23.40
C GLU C 11 -8.02 -5.04 23.55
N LYS C 12 -8.08 -3.80 23.08
CA LYS C 12 -6.98 -2.83 23.18
C LYS C 12 -7.60 -1.55 23.74
N THR C 13 -7.06 -1.05 24.85
CA THR C 13 -7.35 0.31 25.36
C THR C 13 -6.06 1.12 25.24
N VAL C 14 -6.10 2.19 24.47
CA VAL C 14 -4.89 3.02 24.18
C VAL C 14 -5.23 4.48 24.43
N LEU C 15 -4.19 5.22 24.80
CA LEU C 15 -4.23 6.69 24.97
C LEU C 15 -3.44 7.29 23.82
N LEU C 16 -4.11 7.96 22.90
CA LEU C 16 -3.45 8.68 21.79
C LEU C 16 -3.23 10.13 22.22
N GLN C 17 -1.99 10.60 22.08
CA GLN C 17 -1.57 11.99 22.42
C GLN C 17 -0.87 12.56 21.20
N LYS C 18 -1.52 13.45 20.45
CA LYS C 18 -0.95 13.98 19.19
C LYS C 18 -0.60 15.46 19.34
N LYS C 19 0.15 15.99 18.38
CA LYS C 19 0.44 17.44 18.20
C LYS C 19 -0.70 18.05 17.39
N ASP C 20 -0.91 19.37 17.55
CA ASP C 20 -1.88 20.19 16.78
C ASP C 20 -1.72 19.95 15.28
N SER C 21 -0.50 19.76 14.78
CA SER C 21 -0.18 19.70 13.34
C SER C 21 -0.54 18.34 12.72
N GLU C 22 -0.94 17.33 13.51
CA GLU C 22 -1.18 15.97 12.96
C GLU C 22 -2.59 15.47 13.32
N GLY C 23 -2.98 14.40 12.64
CA GLY C 23 -4.17 13.62 12.99
C GLY C 23 -3.80 12.43 13.85
N PHE C 24 -4.81 11.78 14.40
CA PHE C 24 -4.67 10.51 15.15
C PHE C 24 -4.19 9.41 14.21
N GLY C 25 -4.40 9.53 12.91
CA GLY C 25 -3.87 8.60 11.88
C GLY C 25 -4.79 7.40 11.63
N PHE C 26 -6.10 7.63 11.56
CA PHE C 26 -7.05 6.59 11.14
C PHE C 26 -8.22 7.23 10.39
N VAL C 27 -8.97 6.40 9.69
CA VAL C 27 -10.29 6.72 9.12
C VAL C 27 -11.34 5.91 9.87
N LEU C 28 -12.34 6.59 10.43
CA LEU C 28 -13.49 5.98 11.13
C LEU C 28 -14.60 5.75 10.12
N ARG C 29 -15.24 4.58 10.16
CA ARG C 29 -16.42 4.29 9.32
C ARG C 29 -17.49 3.62 10.19
N GLY C 30 -18.77 3.93 9.95
CA GLY C 30 -19.88 3.11 10.48
C GLY C 30 -21.22 3.77 10.30
N ALA C 31 -22.26 3.15 10.85
CA ALA C 31 -23.69 3.49 10.65
C ALA C 31 -23.96 4.94 11.04
N LYS C 32 -24.60 5.70 10.14
CA LYS C 32 -25.22 7.02 10.41
C LYS C 32 -26.43 6.82 11.33
N ALA C 33 -26.73 7.82 12.17
CA ALA C 33 -27.96 7.88 13.00
C ALA C 33 -28.01 9.23 13.73
N GLN C 34 -29.20 9.68 14.16
CA GLN C 34 -29.43 10.98 14.85
C GLN C 34 -29.14 10.81 16.35
N THR C 35 -29.72 9.79 16.98
CA THR C 35 -29.42 9.30 18.36
C THR C 35 -28.99 7.83 18.25
N PRO C 36 -28.41 7.22 19.31
CA PRO C 36 -28.00 5.81 19.26
C PRO C 36 -29.07 4.82 18.75
N ILE C 37 -28.65 3.84 17.93
CA ILE C 37 -29.53 2.81 17.28
C ILE C 37 -29.72 1.64 18.26
N GLU C 38 -30.86 1.61 18.96
CA GLU C 38 -31.21 0.58 19.98
C GLU C 38 -31.56 -0.74 19.28
N GLU C 39 -32.02 -0.66 18.02
CA GLU C 39 -32.34 -1.80 17.13
C GLU C 39 -31.13 -2.75 17.01
N PHE C 40 -29.89 -2.23 17.05
CA PHE C 40 -28.62 -2.98 16.78
C PHE C 40 -28.38 -4.04 17.87
N THR C 41 -28.11 -5.28 17.43
CA THR C 41 -27.67 -6.42 18.29
C THR C 41 -26.23 -6.80 17.91
N PRO C 42 -25.22 -6.38 18.70
CA PRO C 42 -23.85 -6.83 18.48
C PRO C 42 -23.73 -8.36 18.29
N THR C 43 -22.82 -8.79 17.42
CA THR C 43 -22.38 -10.20 17.29
C THR C 43 -20.87 -10.26 17.42
N PRO C 44 -20.29 -11.45 17.71
CA PRO C 44 -18.84 -11.62 17.73
C PRO C 44 -18.19 -11.00 16.48
N ALA C 45 -18.74 -11.26 15.28
CA ALA C 45 -18.22 -10.79 13.98
C ALA C 45 -18.45 -9.29 13.81
N PHE C 46 -19.50 -8.73 14.39
CA PHE C 46 -19.91 -7.30 14.21
C PHE C 46 -20.26 -6.69 15.57
N PRO C 47 -19.26 -6.45 16.45
CA PRO C 47 -19.54 -6.06 17.84
C PRO C 47 -19.85 -4.59 18.11
N ALA C 48 -19.75 -3.72 17.11
CA ALA C 48 -20.03 -2.28 17.27
C ALA C 48 -20.27 -1.63 15.90
N LEU C 49 -20.93 -0.47 15.92
CA LEU C 49 -21.35 0.26 14.71
C LEU C 49 -20.15 0.92 14.02
N GLN C 50 -19.21 1.50 14.78
CA GLN C 50 -18.05 2.26 14.24
C GLN C 50 -16.77 1.41 14.35
N TYR C 51 -15.94 1.46 13.31
CA TYR C 51 -14.71 0.66 13.22
C TYR C 51 -13.68 1.49 12.45
N LEU C 52 -12.44 1.01 12.41
CA LEU C 52 -11.34 1.70 11.69
C LEU C 52 -11.29 1.17 10.25
N GLU C 53 -11.74 2.01 9.30
CA GLU C 53 -11.67 1.71 7.86
C GLU C 53 -10.20 1.51 7.49
N SER C 54 -9.32 2.36 8.01
CA SER C 54 -7.87 2.30 7.74
C SER C 54 -7.11 2.92 8.90
N VAL C 55 -5.82 2.61 9.00
CA VAL C 55 -4.88 3.21 9.98
C VAL C 55 -3.61 3.56 9.20
N ASP C 56 -3.15 4.81 9.31
CA ASP C 56 -1.90 5.25 8.63
C ASP C 56 -0.72 4.54 9.30
N GLU C 57 -0.01 3.71 8.55
CA GLU C 57 1.22 3.03 9.02
C GLU C 57 2.21 4.07 9.56
N GLY C 58 2.64 3.91 10.80
CA GLY C 58 3.61 4.82 11.45
C GLY C 58 2.95 5.96 12.19
N GLY C 59 1.66 6.20 11.99
CA GLY C 59 0.98 7.35 12.63
C GLY C 59 0.69 7.08 14.09
N VAL C 60 -0.02 7.99 14.75
CA VAL C 60 -0.20 7.98 16.24
C VAL C 60 -0.98 6.73 16.64
N ALA C 61 -2.09 6.46 15.96
CA ALA C 61 -2.97 5.30 16.25
C ALA C 61 -2.17 4.01 16.03
N TRP C 62 -1.45 3.94 14.91
CA TRP C 62 -0.69 2.72 14.52
C TRP C 62 0.39 2.40 15.57
N ARG C 63 1.12 3.41 16.03
CA ARG C 63 2.21 3.26 17.03
C ARG C 63 1.65 2.74 18.34
N ALA C 64 0.41 3.11 18.69
CA ALA C 64 -0.26 2.68 19.94
C ALA C 64 -0.82 1.25 19.78
N GLY C 65 -0.86 0.71 18.56
CA GLY C 65 -1.28 -0.68 18.27
C GLY C 65 -2.66 -0.78 17.61
N LEU C 66 -3.31 0.33 17.23
CA LEU C 66 -4.61 0.25 16.52
C LEU C 66 -4.38 -0.19 15.06
N ARG C 67 -5.34 -0.93 14.50
CA ARG C 67 -5.23 -1.54 13.15
C ARG C 67 -6.59 -1.41 12.44
N MET C 68 -6.56 -1.30 11.12
CA MET C 68 -7.70 -1.49 10.20
C MET C 68 -8.60 -2.64 10.71
N GLY C 69 -9.91 -2.41 10.82
CA GLY C 69 -10.87 -3.45 11.21
C GLY C 69 -11.19 -3.45 12.71
N ASP C 70 -10.42 -2.72 13.53
CA ASP C 70 -10.72 -2.58 14.97
C ASP C 70 -12.08 -1.88 15.13
N PHE C 71 -12.95 -2.47 15.96
CA PHE C 71 -14.28 -1.93 16.32
C PHE C 71 -14.18 -1.06 17.56
N LEU C 72 -14.83 0.11 17.58
CA LEU C 72 -14.77 1.05 18.72
C LEU C 72 -15.82 0.65 19.76
N ILE C 73 -15.38 0.44 20.99
CA ILE C 73 -16.26 0.09 22.15
C ILE C 73 -16.45 1.33 23.01
N GLU C 74 -15.37 2.09 23.30
CA GLU C 74 -15.43 3.31 24.16
C GLU C 74 -14.55 4.44 23.62
N VAL C 75 -15.02 5.67 23.75
CA VAL C 75 -14.28 6.91 23.42
C VAL C 75 -14.31 7.76 24.68
N ASN C 76 -13.15 8.12 25.19
CA ASN C 76 -12.97 8.94 26.42
C ASN C 76 -13.92 8.45 27.51
N GLY C 77 -13.92 7.14 27.79
CA GLY C 77 -14.67 6.48 28.88
C GLY C 77 -16.16 6.30 28.60
N GLN C 78 -16.67 6.69 27.44
CA GLN C 78 -18.12 6.56 27.09
C GLN C 78 -18.31 5.41 26.10
N ASN C 79 -19.28 4.53 26.35
CA ASN C 79 -19.61 3.39 25.46
C ASN C 79 -20.15 3.99 24.14
N VAL C 80 -19.73 3.46 23.00
CA VAL C 80 -20.12 3.97 21.65
C VAL C 80 -20.54 2.78 20.76
N VAL C 81 -20.77 1.60 21.34
CA VAL C 81 -21.12 0.34 20.60
C VAL C 81 -22.31 0.61 19.67
N LYS C 82 -23.30 1.37 20.14
CA LYS C 82 -24.63 1.55 19.48
C LYS C 82 -24.79 3.00 19.04
N VAL C 83 -23.72 3.79 19.09
CA VAL C 83 -23.78 5.25 18.82
C VAL C 83 -23.49 5.47 17.33
N GLY C 84 -24.20 6.44 16.73
CA GLY C 84 -24.11 6.80 15.31
C GLY C 84 -22.82 7.54 15.01
N HIS C 85 -22.46 7.57 13.73
CA HIS C 85 -21.13 7.98 13.25
C HIS C 85 -20.80 9.39 13.70
N ARG C 86 -21.74 10.33 13.54
CA ARG C 86 -21.49 11.78 13.70
C ARG C 86 -21.31 12.10 15.20
N GLN C 87 -22.05 11.43 16.08
CA GLN C 87 -21.89 11.56 17.56
C GLN C 87 -20.46 11.13 17.93
N VAL C 88 -20.00 9.96 17.47
CA VAL C 88 -18.64 9.42 17.77
C VAL C 88 -17.60 10.38 17.22
N VAL C 89 -17.77 10.87 15.99
CA VAL C 89 -16.86 11.88 15.40
C VAL C 89 -16.75 13.07 16.36
N ASN C 90 -17.87 13.57 16.91
CA ASN C 90 -17.84 14.76 17.81
C ASN C 90 -17.17 14.40 19.15
N MET C 91 -17.44 13.19 19.69
CA MET C 91 -16.81 12.72 20.96
C MET C 91 -15.29 12.76 20.79
N ILE C 92 -14.78 12.29 19.66
CA ILE C 92 -13.31 12.29 19.36
C ILE C 92 -12.80 13.74 19.28
N ARG C 93 -13.51 14.63 18.56
CA ARG C 93 -13.06 16.04 18.35
C ARG C 93 -13.06 16.81 19.69
N GLN C 94 -14.00 16.53 20.58
CA GLN C 94 -14.11 17.21 21.91
C GLN C 94 -12.83 17.00 22.73
N GLY C 95 -12.14 15.88 22.58
CA GLY C 95 -10.91 15.61 23.35
C GLY C 95 -9.70 16.35 22.82
N GLY C 96 -9.79 16.96 21.63
CA GLY C 96 -8.67 17.72 21.05
C GLY C 96 -7.53 16.82 20.65
N ASN C 97 -6.37 16.97 21.30
CA ASN C 97 -5.11 16.25 20.96
C ASN C 97 -4.96 14.98 21.81
N THR C 98 -5.97 14.65 22.62
CA THR C 98 -6.00 13.43 23.47
C THR C 98 -7.25 12.62 23.14
N LEU C 99 -7.05 11.34 22.84
CA LEU C 99 -8.16 10.37 22.62
C LEU C 99 -7.83 9.11 23.43
N MET C 100 -8.73 8.77 24.35
CA MET C 100 -8.73 7.46 25.02
C MET C 100 -9.73 6.57 24.28
N VAL C 101 -9.29 5.47 23.72
CA VAL C 101 -10.20 4.61 22.93
C VAL C 101 -10.00 3.14 23.32
N LYS C 102 -11.12 2.45 23.54
CA LYS C 102 -11.14 0.97 23.69
C LYS C 102 -11.69 0.39 22.37
N VAL C 103 -10.97 -0.56 21.78
CA VAL C 103 -11.42 -1.25 20.55
C VAL C 103 -11.32 -2.76 20.77
N VAL C 104 -11.92 -3.52 19.86
CA VAL C 104 -11.72 -5.00 19.78
C VAL C 104 -11.33 -5.33 18.36
N MET C 105 -10.31 -6.16 18.23
CA MET C 105 -9.93 -6.84 16.99
C MET C 105 -10.55 -8.24 17.03
N VAL C 106 -11.30 -8.59 15.99
CA VAL C 106 -12.00 -9.90 15.89
C VAL C 106 -11.37 -10.66 14.74
N THR C 107 -10.92 -11.89 14.98
CA THR C 107 -10.42 -12.78 13.91
C THR C 107 -11.14 -14.14 14.01
N ARG C 108 -11.87 -14.52 12.98
CA ARG C 108 -12.47 -15.88 12.88
C ARG C 108 -11.34 -16.88 12.74
N HIS C 109 -11.14 -17.74 13.74
CA HIS C 109 -10.27 -18.94 13.67
C HIS C 109 -10.95 -19.96 12.76
N PRO C 110 -10.37 -20.33 11.59
CA PRO C 110 -10.95 -21.35 10.72
C PRO C 110 -10.81 -22.76 11.34
N ASP C 111 -11.80 -23.64 11.09
CA ASP C 111 -11.97 -24.92 11.80
C ASP C 111 -10.78 -25.85 11.52
N GLY D 1 29.27 -11.28 23.79
CA GLY D 1 29.92 -12.28 24.65
C GLY D 1 31.34 -12.60 24.19
N PRO D 2 31.87 -13.81 24.51
CA PRO D 2 33.29 -14.11 24.28
C PRO D 2 33.76 -14.12 22.80
N LEU D 3 32.88 -14.35 21.82
CA LEU D 3 33.24 -14.42 20.38
C LEU D 3 32.97 -13.10 19.64
N GLY D 4 32.36 -12.09 20.30
CA GLY D 4 32.16 -10.75 19.70
C GLY D 4 30.95 -10.02 20.28
N SER D 5 30.54 -8.92 19.64
CA SER D 5 29.51 -8.00 20.18
C SER D 5 28.11 -8.63 20.09
N ASP D 6 27.34 -8.52 21.17
CA ASP D 6 25.89 -8.78 21.24
C ASP D 6 25.14 -7.44 21.13
N TYR D 7 24.27 -7.30 20.14
CA TYR D 7 23.45 -6.08 19.85
C TYR D 7 21.96 -6.43 19.93
N ILE D 8 21.14 -5.42 20.20
CA ILE D 8 19.69 -5.40 19.89
C ILE D 8 19.50 -4.48 18.68
N ILE D 9 18.86 -4.99 17.61
CA ILE D 9 18.42 -4.20 16.43
C ILE D 9 16.91 -4.05 16.54
N LYS D 10 16.42 -2.80 16.56
CA LYS D 10 14.98 -2.43 16.63
C LYS D 10 14.59 -1.70 15.33
N GLU D 11 13.80 -2.35 14.48
CA GLU D 11 13.10 -1.70 13.34
C GLU D 11 12.01 -0.77 13.91
N LYS D 12 11.95 0.46 13.41
CA LYS D 12 10.90 1.45 13.76
C LYS D 12 10.35 2.06 12.47
N THR D 13 9.03 2.03 12.29
CA THR D 13 8.31 2.76 11.21
C THR D 13 7.51 3.89 11.84
N VAL D 14 7.79 5.12 11.42
CA VAL D 14 7.07 6.32 11.93
C VAL D 14 6.55 7.15 10.74
N LEU D 15 5.43 7.84 10.96
CA LEU D 15 4.83 8.83 10.03
C LEU D 15 4.91 10.16 10.76
N LEU D 16 5.72 11.08 10.25
CA LEU D 16 5.87 12.43 10.83
C LEU D 16 4.98 13.40 10.05
N GLN D 17 4.28 14.25 10.77
CA GLN D 17 3.40 15.30 10.20
CA GLN D 17 3.40 15.30 10.20
C GLN D 17 3.68 16.60 10.93
N LYS D 18 4.41 17.51 10.27
CA LYS D 18 4.85 18.81 10.87
C LYS D 18 4.03 20.00 10.34
N LYS D 19 4.15 21.13 11.03
CA LYS D 19 3.72 22.49 10.64
C LYS D 19 4.68 23.09 9.60
N ASP D 20 4.18 24.01 8.78
CA ASP D 20 5.00 24.79 7.81
C ASP D 20 6.16 25.48 8.53
N SER D 21 5.92 26.03 9.73
CA SER D 21 6.87 26.87 10.50
C SER D 21 7.99 26.04 11.16
N GLU D 22 7.84 24.71 11.26
CA GLU D 22 8.82 23.88 12.04
C GLU D 22 9.53 22.91 11.10
N GLY D 23 10.58 22.28 11.61
CA GLY D 23 11.29 21.17 10.95
C GLY D 23 10.82 19.83 11.52
N PHE D 24 11.25 18.74 10.91
CA PHE D 24 11.00 17.37 11.41
C PHE D 24 11.77 17.15 12.72
N GLY D 25 12.86 17.89 12.94
CA GLY D 25 13.58 17.96 14.23
C GLY D 25 14.68 16.92 14.30
N PHE D 26 15.46 16.79 13.23
CA PHE D 26 16.65 15.90 13.19
C PHE D 26 17.69 16.45 12.23
N VAL D 27 18.89 15.89 12.26
CA VAL D 27 19.97 16.16 11.28
C VAL D 27 20.36 14.82 10.66
N LEU D 28 20.32 14.74 9.33
CA LEU D 28 20.77 13.56 8.58
C LEU D 28 22.29 13.65 8.45
N ARG D 29 22.95 12.54 8.09
CA ARG D 29 24.41 12.45 7.83
C ARG D 29 24.71 11.16 7.08
N GLY D 30 25.61 11.21 6.09
CA GLY D 30 26.10 10.00 5.42
C GLY D 30 26.76 10.27 4.07
N ALA D 31 27.21 9.19 3.45
CA ALA D 31 28.00 9.18 2.19
C ALA D 31 27.35 10.11 1.16
N LYS D 32 28.16 10.97 0.51
CA LYS D 32 27.81 11.71 -0.72
C LYS D 32 27.93 10.76 -1.90
N ALA D 33 27.08 10.89 -2.93
CA ALA D 33 27.12 10.07 -4.16
C ALA D 33 26.17 10.65 -5.22
N GLN D 34 26.60 10.65 -6.49
CA GLN D 34 25.78 11.04 -7.66
C GLN D 34 24.68 9.98 -7.89
N THR D 35 25.02 8.71 -7.68
CA THR D 35 24.12 7.53 -7.87
C THR D 35 24.32 6.59 -6.68
N PRO D 36 23.46 5.56 -6.48
CA PRO D 36 23.63 4.63 -5.37
C PRO D 36 25.03 3.96 -5.32
N ILE D 37 25.65 3.94 -4.13
CA ILE D 37 26.99 3.30 -3.88
C ILE D 37 26.78 1.79 -3.69
N GLU D 38 26.93 1.02 -4.77
CA GLU D 38 26.86 -0.47 -4.77
C GLU D 38 28.09 -1.03 -4.04
N GLU D 39 29.19 -0.26 -4.04
CA GLU D 39 30.48 -0.59 -3.36
C GLU D 39 30.26 -0.83 -1.86
N PHE D 40 29.30 -0.12 -1.26
CA PHE D 40 28.91 -0.23 0.18
C PHE D 40 28.35 -1.62 0.46
N THR D 41 28.80 -2.25 1.56
CA THR D 41 28.25 -3.52 2.10
C THR D 41 27.69 -3.24 3.49
N PRO D 42 26.34 -3.20 3.66
CA PRO D 42 25.75 -3.01 4.98
C PRO D 42 26.15 -4.18 5.89
N THR D 43 26.33 -3.90 7.17
CA THR D 43 26.57 -4.93 8.22
C THR D 43 25.60 -4.65 9.36
N PRO D 44 25.21 -5.66 10.16
CA PRO D 44 24.25 -5.42 11.23
C PRO D 44 24.53 -4.16 12.07
N ALA D 45 25.80 -3.75 12.23
CA ALA D 45 26.20 -2.60 13.08
C ALA D 45 26.27 -1.28 12.29
N PHE D 46 26.40 -1.34 10.96
CA PHE D 46 26.38 -0.18 10.01
C PHE D 46 25.49 -0.55 8.82
N PRO D 47 24.16 -0.64 9.04
CA PRO D 47 23.26 -1.25 8.06
C PRO D 47 22.81 -0.33 6.91
N ALA D 48 23.12 0.98 6.96
CA ALA D 48 22.75 1.95 5.89
C ALA D 48 23.68 3.19 5.90
N LEU D 49 23.84 3.81 4.72
CA LEU D 49 24.69 5.01 4.50
C LEU D 49 24.23 6.20 5.36
N GLN D 50 22.93 6.49 5.40
CA GLN D 50 22.43 7.72 6.07
C GLN D 50 21.85 7.33 7.44
N TYR D 51 22.08 8.17 8.43
CA TYR D 51 21.62 7.97 9.83
C TYR D 51 21.32 9.33 10.42
N LEU D 52 20.75 9.36 11.60
CA LEU D 52 20.42 10.60 12.36
C LEU D 52 21.60 10.98 13.24
N GLU D 53 22.33 12.04 12.86
CA GLU D 53 23.45 12.65 13.63
C GLU D 53 22.89 13.18 14.97
N SER D 54 21.67 13.71 14.97
CA SER D 54 21.04 14.34 16.17
C SER D 54 19.52 14.33 15.99
N VAL D 55 18.79 14.58 17.08
CA VAL D 55 17.29 14.57 17.14
C VAL D 55 16.89 15.51 18.28
N ASP D 56 16.15 16.58 17.96
CA ASP D 56 15.80 17.64 18.92
C ASP D 56 14.80 17.04 19.91
N GLU D 57 15.05 17.25 21.21
CA GLU D 57 14.18 16.76 22.31
C GLU D 57 12.91 17.60 22.29
N GLY D 58 11.75 16.94 22.42
CA GLY D 58 10.41 17.54 22.24
C GLY D 58 10.07 17.75 20.77
N GLY D 59 10.98 17.43 19.84
CA GLY D 59 10.83 17.62 18.39
C GLY D 59 9.81 16.65 17.78
N VAL D 60 9.47 16.84 16.50
CA VAL D 60 8.47 15.99 15.79
C VAL D 60 9.00 14.55 15.74
N ALA D 61 10.23 14.37 15.26
CA ALA D 61 10.93 13.07 15.15
C ALA D 61 11.07 12.42 16.55
N TRP D 62 11.51 13.16 17.55
CA TRP D 62 11.63 12.68 18.95
C TRP D 62 10.29 12.12 19.42
N ARG D 63 9.21 12.89 19.28
CA ARG D 63 7.85 12.52 19.76
C ARG D 63 7.41 11.22 19.13
N ALA D 64 7.76 10.96 17.87
CA ALA D 64 7.33 9.73 17.16
C ALA D 64 8.18 8.53 17.61
N GLY D 65 9.34 8.79 18.25
CA GLY D 65 10.25 7.76 18.81
C GLY D 65 11.56 7.63 18.03
N LEU D 66 11.91 8.58 17.15
CA LEU D 66 13.21 8.51 16.42
C LEU D 66 14.32 9.01 17.37
N ARG D 67 15.53 8.50 17.17
CA ARG D 67 16.66 8.76 18.09
C ARG D 67 17.97 8.91 17.30
N MET D 68 18.89 9.68 17.87
CA MET D 68 20.30 9.75 17.41
C MET D 68 20.84 8.33 17.16
N GLY D 69 21.42 8.09 15.99
CA GLY D 69 22.04 6.81 15.59
C GLY D 69 21.19 6.01 14.63
N ASP D 70 19.87 6.22 14.64
CA ASP D 70 18.96 5.39 13.79
C ASP D 70 19.43 5.51 12.35
N PHE D 71 19.60 4.38 11.68
CA PHE D 71 19.95 4.26 10.25
C PHE D 71 18.65 4.28 9.43
N LEU D 72 18.63 5.01 8.31
CA LEU D 72 17.43 5.11 7.42
C LEU D 72 17.42 3.94 6.46
N ILE D 73 16.33 3.20 6.44
CA ILE D 73 16.16 2.01 5.57
C ILE D 73 15.21 2.42 4.44
N GLU D 74 14.12 3.10 4.77
CA GLU D 74 13.09 3.54 3.78
C GLU D 74 12.70 5.00 4.06
N VAL D 75 12.42 5.73 2.98
CA VAL D 75 11.83 7.10 3.01
C VAL D 75 10.62 7.03 2.09
N ASN D 76 9.44 7.27 2.65
CA ASN D 76 8.15 7.23 1.90
C ASN D 76 8.10 5.97 1.02
N GLY D 77 8.47 4.80 1.58
CA GLY D 77 8.32 3.49 0.91
C GLY D 77 9.41 3.15 -0.10
N GLN D 78 10.45 3.98 -0.25
CA GLN D 78 11.58 3.70 -1.17
C GLN D 78 12.82 3.34 -0.34
N ASN D 79 13.46 2.21 -0.65
CA ASN D 79 14.68 1.77 0.06
C ASN D 79 15.79 2.79 -0.18
N VAL D 80 16.45 3.26 0.89
CA VAL D 80 17.61 4.20 0.80
C VAL D 80 18.86 3.62 1.47
N VAL D 81 18.97 2.29 1.63
CA VAL D 81 20.12 1.65 2.36
C VAL D 81 21.44 2.13 1.73
N LYS D 82 21.60 1.91 0.43
CA LYS D 82 22.83 2.21 -0.35
C LYS D 82 22.56 3.40 -1.28
N VAL D 83 22.09 4.54 -0.74
CA VAL D 83 21.68 5.71 -1.56
C VAL D 83 22.36 6.98 -1.01
N GLY D 84 22.96 7.76 -1.92
CA GLY D 84 23.68 9.01 -1.61
C GLY D 84 22.80 9.98 -0.86
N HIS D 85 23.45 10.87 -0.09
CA HIS D 85 22.89 11.76 0.96
C HIS D 85 22.01 12.87 0.38
N ARG D 86 22.30 13.37 -0.82
CA ARG D 86 21.55 14.51 -1.41
C ARG D 86 20.24 13.96 -1.99
N GLN D 87 20.30 12.78 -2.62
CA GLN D 87 19.13 12.08 -3.19
C GLN D 87 18.16 11.66 -2.09
N VAL D 88 18.66 11.45 -0.86
CA VAL D 88 17.81 11.11 0.33
C VAL D 88 17.24 12.40 0.91
N VAL D 89 18.05 13.45 1.00
CA VAL D 89 17.59 14.82 1.39
C VAL D 89 16.43 15.22 0.48
N ASN D 90 16.48 14.90 -0.81
CA ASN D 90 15.42 15.25 -1.79
C ASN D 90 14.17 14.42 -1.47
N MET D 91 14.34 13.10 -1.37
CA MET D 91 13.24 12.12 -1.10
C MET D 91 12.44 12.60 0.11
N ILE D 92 13.14 13.10 1.13
CA ILE D 92 12.54 13.61 2.40
C ILE D 92 11.78 14.91 2.12
N ARG D 93 12.35 15.78 1.29
CA ARG D 93 11.79 17.11 0.98
C ARG D 93 10.54 16.94 0.11
N GLN D 94 10.48 15.88 -0.69
CA GLN D 94 9.38 15.64 -1.66
C GLN D 94 8.03 15.62 -0.92
N GLY D 95 7.96 15.12 0.32
CA GLY D 95 6.69 14.97 1.05
C GLY D 95 6.26 16.22 1.79
N GLY D 96 7.10 17.27 1.80
CA GLY D 96 6.77 18.56 2.43
C GLY D 96 6.62 18.43 3.93
N ASN D 97 5.40 18.54 4.44
CA ASN D 97 5.10 18.40 5.89
C ASN D 97 4.96 16.92 6.31
N THR D 98 4.99 15.97 5.38
CA THR D 98 4.74 14.54 5.67
C THR D 98 6.01 13.74 5.34
N LEU D 99 6.47 12.91 6.28
CA LEU D 99 7.60 11.99 6.05
C LEU D 99 7.28 10.66 6.72
N MET D 100 7.18 9.60 5.93
CA MET D 100 7.17 8.24 6.48
C MET D 100 8.60 7.71 6.37
N VAL D 101 9.13 7.21 7.47
CA VAL D 101 10.52 6.68 7.49
C VAL D 101 10.54 5.38 8.31
N LYS D 102 11.16 4.35 7.75
CA LYS D 102 11.59 3.12 8.46
C LYS D 102 13.09 3.25 8.77
N VAL D 103 13.45 3.09 10.04
CA VAL D 103 14.87 3.11 10.51
C VAL D 103 15.17 1.79 11.24
N VAL D 104 16.46 1.46 11.38
CA VAL D 104 16.94 0.44 12.35
C VAL D 104 17.76 1.15 13.41
N MET D 105 17.44 0.91 14.67
CA MET D 105 18.20 1.41 15.82
C MET D 105 19.08 0.28 16.39
N VAL D 106 20.39 0.52 16.49
CA VAL D 106 21.40 -0.44 17.01
C VAL D 106 21.83 0.03 18.41
N THR D 107 21.50 -0.73 19.45
CA THR D 107 21.91 -0.44 20.84
C THR D 107 23.38 -0.82 21.02
N GLU E 1 4.61 13.08 -16.27
CA GLU E 1 3.26 12.98 -15.60
C GLU E 1 2.65 14.38 -15.57
N GLU E 2 1.33 14.46 -15.41
CA GLU E 2 0.56 15.72 -15.28
C GLU E 2 -0.55 15.52 -14.24
N SER E 3 -0.91 16.58 -13.53
CA SER E 3 -2.00 16.63 -12.52
C SER E 3 -3.13 17.49 -13.04
N THR E 4 -4.37 17.09 -12.81
CA THR E 4 -5.56 17.92 -13.11
C THR E 4 -6.50 17.81 -11.91
N SER E 5 -6.82 18.96 -11.32
CA SER E 5 -7.74 19.08 -10.18
C SER E 5 -9.18 18.97 -10.66
N PHE E 6 -9.98 18.16 -9.98
CA PHE E 6 -11.46 18.11 -10.11
C PHE E 6 -12.06 18.47 -8.76
N GLN E 7 -11.40 19.34 -7.99
CA GLN E 7 -11.85 19.73 -6.62
C GLN E 7 -12.96 20.77 -6.72
N GLY E 8 -12.85 21.66 -7.70
CA GLY E 8 -13.89 22.63 -8.05
C GLY E 8 -14.62 22.15 -9.30
N PRO E 9 -15.69 22.87 -9.69
CA PRO E 9 -16.38 22.58 -10.95
C PRO E 9 -15.48 22.84 -12.16
N GLU F 1 -5.19 -20.68 -26.83
CA GLU F 1 -4.09 -20.89 -25.86
C GLU F 1 -3.34 -22.17 -26.22
N GLU F 2 -2.03 -22.18 -25.99
CA GLU F 2 -1.14 -23.35 -26.19
C GLU F 2 -0.44 -23.68 -24.87
N SER F 3 -0.24 -24.98 -24.59
CA SER F 3 0.59 -25.52 -23.48
C SER F 3 1.94 -26.01 -24.02
N THR F 4 3.03 -25.73 -23.30
CA THR F 4 4.39 -26.24 -23.59
C THR F 4 5.00 -26.75 -22.29
N SER F 5 5.46 -28.01 -22.30
CA SER F 5 6.06 -28.71 -21.15
C SER F 5 7.50 -28.23 -20.98
N PHE F 6 7.88 -27.88 -19.75
CA PHE F 6 9.30 -27.70 -19.33
C PHE F 6 9.57 -28.70 -18.20
N GLN F 7 8.91 -29.85 -18.26
CA GLN F 7 9.04 -30.92 -17.25
C GLN F 7 10.33 -31.69 -17.48
N GLY F 8 10.84 -31.63 -18.72
CA GLY F 8 12.14 -32.23 -19.08
C GLY F 8 13.04 -31.21 -19.74
N PRO F 9 14.29 -31.63 -20.08
CA PRO F 9 15.26 -30.73 -20.69
C PRO F 9 14.82 -30.34 -22.11
N GLU G 1 -23.76 3.95 5.81
CA GLU G 1 -22.49 4.16 6.56
C GLU G 1 -21.81 5.41 6.03
N GLU G 2 -20.99 6.04 6.88
CA GLU G 2 -20.20 7.24 6.55
C GLU G 2 -18.77 7.02 7.04
N SER G 3 -17.78 7.53 6.30
CA SER G 3 -16.35 7.55 6.69
C SER G 3 -15.95 9.01 6.99
N THR G 4 -15.21 9.21 8.08
CA THR G 4 -14.59 10.50 8.46
C THR G 4 -13.10 10.28 8.71
N SER G 5 -12.28 11.08 8.04
CA SER G 5 -10.80 11.00 8.13
C SER G 5 -10.33 11.75 9.37
N PHE G 6 -9.47 11.09 10.16
CA PHE G 6 -8.65 11.68 11.24
C PHE G 6 -7.19 11.50 10.85
N GLN G 7 -6.92 11.50 9.53
CA GLN G 7 -5.56 11.38 8.99
C GLN G 7 -4.83 12.72 9.16
N GLY G 8 -5.57 13.82 9.23
CA GLY G 8 -5.01 15.17 9.44
C GLY G 8 -5.61 15.82 10.69
N PRO G 9 -5.09 17.02 11.05
CA PRO G 9 -5.59 17.77 12.22
C PRO G 9 -7.08 18.12 12.18
N GLU H 1 31.43 12.38 3.76
CA GLU H 1 30.07 12.36 4.40
C GLU H 1 29.56 13.79 4.69
N GLU H 2 28.49 14.21 4.01
CA GLU H 2 27.76 15.47 4.31
C GLU H 2 26.70 15.22 5.38
N SER H 3 26.34 16.25 6.13
CA SER H 3 25.22 16.27 7.08
C SER H 3 24.30 17.47 6.77
N THR H 4 23.04 17.19 6.37
CA THR H 4 21.96 18.18 6.11
C THR H 4 20.98 18.20 7.29
N SER H 5 20.75 19.39 7.86
CA SER H 5 19.76 19.62 8.93
C SER H 5 18.32 19.55 8.38
N PHE H 6 17.39 19.06 9.20
CA PHE H 6 15.92 19.17 9.01
C PHE H 6 15.32 19.65 10.31
N GLN H 7 16.02 20.54 11.00
CA GLN H 7 15.59 21.13 12.30
C GLN H 7 14.61 22.26 12.03
N GLY H 8 14.68 22.84 10.83
CA GLY H 8 13.77 23.91 10.40
C GLY H 8 13.07 23.51 9.12
N PRO H 9 12.11 24.34 8.65
CA PRO H 9 11.33 24.00 7.45
C PRO H 9 12.15 23.95 6.14
C ACE I . 4.85 12.54 -17.48
O ACE I . 3.98 12.22 -18.24
CH3 ACE I . 6.30 12.47 -17.90
H1 ACE I . 6.36 12.15 -18.82
H2 ACE I . 6.78 11.86 -17.31
H3 ACE I . 6.70 13.35 -17.85
C ACE J . -5.06 -19.80 -27.81
O ACE J . -4.03 -19.23 -28.08
CH3 ACE J . -6.29 -19.66 -28.71
H1 ACE J . -6.11 -19.02 -29.41
H2 ACE J . -7.03 -19.34 -28.17
H3 ACE J . -6.51 -20.52 -29.09
C ACE K . -24.92 3.97 6.45
O ACE K . -25.05 4.46 7.52
CH3 ACE K . -26.13 3.43 5.67
H1 ACE K . -26.94 3.61 6.18
H2 ACE K . -26.02 2.48 5.54
H3 ACE K . -26.18 3.88 4.82
C ACE L . 31.82 11.56 2.77
O ACE L . 31.10 11.01 1.99
CH3 ACE L . 33.32 11.43 2.61
H1 ACE L . 33.52 10.87 1.85
H2 ACE L . 33.69 11.04 3.42
H3 ACE L . 33.70 12.31 2.47
#